data_7CS1
#
_entry.id   7CS1
#
_cell.length_a   77.838
_cell.length_b   94.947
_cell.length_c   61.127
_cell.angle_alpha   90.00
_cell.angle_beta   90.00
_cell.angle_gamma   90.00
#
_symmetry.space_group_name_H-M   'P 21 21 2'
#
loop_
_entity.id
_entity.type
_entity.pdbx_description
1 polymer "Aminoglycoside 2'-N-acetyltransferase"
2 non-polymer NEOMYCIN
3 non-polymer 'COENZYME A'
4 water water
#
_entity_poly.entity_id   1
_entity_poly.type   'polypeptide(L)'
_entity_poly.pdbx_seq_one_letter_code
;MLTQHVSEARTRGAIHTARLIHTSDLDQETRDGARRMVIEAFRDPSGDSDFTDDFTDDDWDHALGGMHALISHHGALIAH
GAVVQRRLMYRGPDGRGHALRCGYVEAVAVREDRRGDGLGTAVLDALEQVIRGAYQIGALSASDIARPMYIARGWLSWEG
PTSVLTPTEGIVRTPEDDRSLFVLPVDLPDGLELDTAREITCDWRSGDPW
;
_entity_poly.pdbx_strand_id   A,B
#
loop_
_chem_comp.id
_chem_comp.type
_chem_comp.name
_chem_comp.formula
COA non-polymer 'COENZYME A' 'C21 H36 N7 O16 P3 S'
NMY non-polymer NEOMYCIN 'C23 H46 N6 O13'
#
# COMPACT_ATOMS: atom_id res chain seq x y z
N ILE A 15 24.62 6.02 15.62
CA ILE A 15 25.74 6.13 14.65
C ILE A 15 25.23 5.79 13.24
N HIS A 16 24.43 4.74 13.14
CA HIS A 16 23.86 4.28 11.84
C HIS A 16 22.40 4.73 11.78
N THR A 17 22.04 5.44 10.71
CA THR A 17 20.63 5.90 10.55
C THR A 17 20.24 5.77 9.08
N ALA A 18 19.16 5.06 8.83
CA ALA A 18 18.63 4.88 7.49
C ALA A 18 17.81 6.09 7.07
N ARG A 19 17.81 6.37 5.77
CA ARG A 19 16.93 7.41 5.24
C ARG A 19 15.69 6.75 4.66
N LEU A 20 14.56 7.41 4.84
CA LEU A 20 13.27 6.93 4.36
C LEU A 20 12.94 7.63 3.04
N ILE A 21 12.61 6.84 2.03
CA ILE A 21 12.27 7.40 0.72
C ILE A 21 11.19 6.54 0.09
N HIS A 22 10.23 7.20 -0.54
CA HIS A 22 9.15 6.47 -1.19
C HIS A 22 9.63 5.96 -2.54
N THR A 23 9.14 4.78 -2.93
CA THR A 23 9.44 4.22 -4.24
C THR A 23 9.44 5.29 -5.35
N SER A 24 8.44 6.16 -5.36
CA SER A 24 8.32 7.13 -6.46
C SER A 24 9.42 8.19 -6.46
N ASP A 25 10.20 8.34 -5.40
CA ASP A 25 11.30 9.29 -5.40
C ASP A 25 12.64 8.65 -5.75
N LEU A 26 12.69 7.35 -6.03
CA LEU A 26 13.92 6.73 -6.46
C LEU A 26 14.06 6.81 -7.98
N ASP A 27 15.21 7.28 -8.46
CA ASP A 27 15.50 7.18 -9.89
C ASP A 27 15.68 5.72 -10.27
N GLN A 28 15.41 5.42 -11.54
CA GLN A 28 15.53 4.05 -12.04
C GLN A 28 16.90 3.45 -11.76
N GLU A 29 17.94 4.27 -11.73
CA GLU A 29 19.27 3.73 -11.49
C GLU A 29 19.47 3.35 -10.02
N THR A 30 18.95 4.16 -9.10
CA THR A 30 19.02 3.79 -7.69
C THR A 30 18.16 2.56 -7.41
N ARG A 31 16.94 2.53 -7.95
CA ARG A 31 16.06 1.38 -7.83
C ARG A 31 16.71 0.11 -8.32
N ASP A 32 17.33 0.19 -9.50
CA ASP A 32 17.97 -0.98 -10.07
C ASP A 32 19.19 -1.39 -9.25
N GLY A 33 19.94 -0.43 -8.73
CA GLY A 33 21.02 -0.77 -7.82
C GLY A 33 20.52 -1.43 -6.54
N ALA A 34 19.43 -0.90 -5.98
CA ALA A 34 18.86 -1.50 -4.79
C ALA A 34 18.48 -2.96 -5.04
N ARG A 35 17.84 -3.23 -6.17
CA ARG A 35 17.41 -4.59 -6.47
C ARG A 35 18.61 -5.51 -6.59
N ARG A 36 19.63 -5.07 -7.32
CA ARG A 36 20.84 -5.91 -7.50
C ARG A 36 21.48 -6.17 -6.13
N MET A 37 21.53 -5.16 -5.27
CA MET A 37 22.14 -5.36 -3.96
C MET A 37 21.35 -6.35 -3.11
N VAL A 38 20.03 -6.25 -3.12
CA VAL A 38 19.18 -7.15 -2.33
C VAL A 38 19.27 -8.58 -2.87
N ILE A 39 19.24 -8.75 -4.19
CA ILE A 39 19.38 -10.07 -4.78
C ILE A 39 20.67 -10.73 -4.31
N GLU A 40 21.79 -9.99 -4.33
CA GLU A 40 23.05 -10.56 -3.88
C GLU A 40 23.03 -10.87 -2.40
N ALA A 41 22.42 -9.99 -1.59
CA ALA A 41 22.36 -10.23 -0.15
C ALA A 41 21.64 -11.52 0.16
N PHE A 42 20.67 -11.89 -0.67
CA PHE A 42 19.89 -13.14 -0.45
C PHE A 42 20.61 -14.38 -0.98
N ARG A 43 21.73 -14.20 -1.67
CA ARG A 43 22.49 -15.36 -2.17
C ARG A 43 23.18 -16.07 -0.99
N ASP A 44 23.43 -17.37 -1.11
CA ASP A 44 24.05 -18.06 0.04
C ASP A 44 25.50 -17.63 0.17
N ASP A 50 21.38 -22.41 -8.15
CA ASP A 50 22.60 -21.66 -8.52
C ASP A 50 22.17 -20.44 -9.34
N PHE A 51 21.74 -20.71 -10.57
CA PHE A 51 21.28 -19.70 -11.55
C PHE A 51 19.88 -19.19 -11.18
N THR A 52 19.16 -19.90 -10.33
CA THR A 52 17.81 -19.49 -9.86
C THR A 52 17.96 -18.57 -8.65
N ASP A 53 17.71 -17.28 -8.84
CA ASP A 53 17.85 -16.31 -7.72
C ASP A 53 16.82 -16.62 -6.63
N ASP A 54 17.27 -16.70 -5.39
CA ASP A 54 16.40 -16.91 -4.21
C ASP A 54 15.47 -15.70 -4.08
N PHE A 55 15.96 -14.53 -4.40
CA PHE A 55 15.15 -13.33 -4.41
C PHE A 55 14.78 -13.05 -5.86
N THR A 56 13.50 -13.22 -6.19
CA THR A 56 13.03 -13.27 -7.58
C THR A 56 12.46 -11.92 -8.03
N ASP A 57 12.15 -11.84 -9.33
CA ASP A 57 11.53 -10.62 -9.86
C ASP A 57 10.24 -10.29 -9.12
N ASP A 58 9.38 -11.31 -8.89
CA ASP A 58 8.17 -11.05 -8.12
C ASP A 58 8.50 -10.56 -6.71
N ASP A 59 9.55 -11.11 -6.10
CA ASP A 59 9.95 -10.66 -4.77
C ASP A 59 10.28 -9.18 -4.77
N TRP A 60 10.91 -8.68 -5.83
CA TRP A 60 11.23 -7.26 -5.93
C TRP A 60 9.98 -6.44 -6.14
N ASP A 61 9.05 -6.91 -6.97
CA ASP A 61 7.80 -6.20 -7.15
C ASP A 61 7.09 -6.02 -5.81
N HIS A 62 7.16 -7.01 -4.93
CA HIS A 62 6.48 -6.89 -3.65
C HIS A 62 7.11 -5.83 -2.75
N ALA A 63 8.34 -5.41 -3.03
CA ALA A 63 8.99 -4.35 -2.27
C ALA A 63 8.66 -2.96 -2.79
N LEU A 64 7.91 -2.85 -3.87
CA LEU A 64 7.65 -1.57 -4.51
C LEU A 64 6.30 -1.01 -4.08
N GLY A 65 6.23 0.31 -4.00
CA GLY A 65 4.99 1.00 -3.76
C GLY A 65 4.88 1.67 -2.41
N GLY A 66 5.87 1.47 -1.52
CA GLY A 66 5.83 1.99 -0.17
C GLY A 66 7.10 2.77 0.15
N MET A 67 7.50 2.70 1.41
CA MET A 67 8.65 3.44 1.90
C MET A 67 9.87 2.52 1.95
N HIS A 68 10.97 2.98 1.36
CA HIS A 68 12.24 2.29 1.46
C HIS A 68 13.07 2.91 2.58
N ALA A 69 13.73 2.06 3.36
CA ALA A 69 14.80 2.50 4.26
C ALA A 69 16.14 2.15 3.61
N LEU A 70 17.00 3.16 3.43
CA LEU A 70 18.27 3.01 2.74
C LEU A 70 19.42 3.45 3.62
N ILE A 71 20.53 2.72 3.55
CA ILE A 71 21.77 3.13 4.19
C ILE A 71 22.87 3.05 3.13
N SER A 72 23.58 4.15 2.94
CA SER A 72 24.63 4.23 1.94
C SER A 72 25.92 4.65 2.61
N HIS A 73 27.04 4.22 2.05
CA HIS A 73 28.35 4.52 2.63
C HIS A 73 29.29 4.86 1.49
N HIS A 74 29.71 6.12 1.42
CA HIS A 74 30.52 6.62 0.30
C HIS A 74 29.89 6.23 -1.03
N GLY A 75 28.58 6.44 -1.15
CA GLY A 75 27.86 6.17 -2.37
C GLY A 75 27.30 4.76 -2.50
N ALA A 76 27.95 3.77 -1.88
CA ALA A 76 27.52 2.38 -2.02
C ALA A 76 26.33 2.09 -1.11
N LEU A 77 25.29 1.49 -1.69
CA LEU A 77 24.16 1.04 -0.88
C LEU A 77 24.59 -0.17 -0.07
N ILE A 78 24.55 -0.07 1.25
CA ILE A 78 24.94 -1.19 2.10
C ILE A 78 23.79 -1.81 2.88
N ALA A 79 22.58 -1.22 2.84
CA ALA A 79 21.44 -1.80 3.53
C ALA A 79 20.15 -1.29 2.92
N HIS A 80 19.11 -2.13 2.98
CA HIS A 80 17.81 -1.84 2.36
C HIS A 80 16.70 -2.52 3.16
N GLY A 81 15.54 -1.88 3.18
CA GLY A 81 14.31 -2.52 3.60
C GLY A 81 13.13 -1.71 3.11
N ALA A 82 11.98 -2.34 3.05
CA ALA A 82 10.78 -1.65 2.60
C ALA A 82 9.57 -2.08 3.41
N VAL A 83 8.60 -1.19 3.49
CA VAL A 83 7.29 -1.49 4.07
C VAL A 83 6.23 -1.04 3.08
N VAL A 84 5.33 -1.94 2.72
CA VAL A 84 4.32 -1.68 1.72
C VAL A 84 2.96 -1.93 2.34
N GLN A 85 1.94 -1.28 1.80
CA GLN A 85 0.59 -1.40 2.34
C GLN A 85 -0.14 -2.60 1.74
N ARG A 86 -0.77 -3.38 2.60
CA ARG A 86 -1.64 -4.48 2.21
C ARG A 86 -2.82 -4.50 3.16
N ARG A 87 -3.74 -5.43 2.91
CA ARG A 87 -4.79 -5.77 3.86
C ARG A 87 -4.52 -7.14 4.44
N LEU A 88 -4.64 -7.27 5.77
CA LEU A 88 -4.63 -8.56 6.45
C LEU A 88 -6.03 -8.83 6.96
N MET A 89 -6.57 -10.00 6.69
CA MET A 89 -7.92 -10.32 7.12
C MET A 89 -7.93 -11.30 8.27
N TYR A 90 -8.66 -10.95 9.32
CA TYR A 90 -8.69 -11.69 10.58
C TYR A 90 -10.12 -11.72 11.08
N ARG A 91 -10.62 -12.92 11.40
CA ARG A 91 -11.92 -13.09 12.01
C ARG A 91 -11.73 -13.45 13.48
N GLY A 92 -12.21 -12.58 14.37
CA GLY A 92 -12.01 -12.78 15.78
C GLY A 92 -12.84 -13.93 16.30
N PRO A 93 -12.66 -14.24 17.60
CA PRO A 93 -13.45 -15.33 18.21
C PRO A 93 -14.94 -15.03 18.29
N ASP A 94 -15.37 -13.80 18.06
CA ASP A 94 -16.77 -13.42 18.10
C ASP A 94 -17.45 -13.46 16.73
N GLY A 95 -16.76 -13.96 15.71
CA GLY A 95 -17.32 -14.07 14.39
C GLY A 95 -17.20 -12.82 13.53
N ARG A 96 -16.73 -11.70 14.09
CA ARG A 96 -16.65 -10.46 13.33
C ARG A 96 -15.34 -10.41 12.55
N GLY A 97 -15.43 -10.03 11.27
CA GLY A 97 -14.27 -9.98 10.41
C GLY A 97 -13.63 -8.61 10.39
N HIS A 98 -12.32 -8.59 10.20
CA HIS A 98 -11.56 -7.35 10.17
C HIS A 98 -10.62 -7.36 8.97
N ALA A 99 -10.59 -6.24 8.25
CA ALA A 99 -9.68 -6.03 7.14
C ALA A 99 -8.65 -4.99 7.56
N LEU A 100 -7.54 -5.43 8.15
CA LEU A 100 -6.61 -4.49 8.78
C LEU A 100 -5.69 -3.85 7.75
N ARG A 101 -5.43 -2.55 7.92
CA ARG A 101 -4.41 -1.82 7.18
C ARG A 101 -3.04 -2.28 7.66
N CYS A 102 -2.29 -2.97 6.81
CA CYS A 102 -1.08 -3.63 7.27
C CYS A 102 0.15 -3.02 6.63
N GLY A 103 1.15 -2.69 7.45
CA GLY A 103 2.45 -2.35 6.90
C GLY A 103 3.30 -3.62 6.76
N TYR A 104 3.52 -4.08 5.52
CA TYR A 104 4.17 -5.37 5.28
C TYR A 104 5.63 -5.18 4.89
N VAL A 105 6.52 -5.90 5.59
CA VAL A 105 7.96 -5.66 5.51
C VAL A 105 8.58 -6.66 4.54
N GLU A 106 9.34 -6.13 3.57
CA GLU A 106 9.92 -6.89 2.47
C GLU A 106 11.39 -6.48 2.27
N ALA A 107 12.19 -7.44 1.79
CA ALA A 107 13.50 -7.14 1.17
C ALA A 107 14.45 -6.46 2.15
N VAL A 108 14.47 -6.94 3.38
CA VAL A 108 15.42 -6.46 4.38
C VAL A 108 16.77 -7.12 4.14
N ALA A 109 17.81 -6.31 3.93
CA ALA A 109 19.07 -6.85 3.44
C ALA A 109 20.26 -5.96 3.76
N VAL A 110 21.35 -6.57 4.20
CA VAL A 110 22.59 -5.87 4.47
C VAL A 110 23.70 -6.51 3.64
N ARG A 111 24.50 -5.69 2.98
CA ARG A 111 25.62 -6.21 2.21
C ARG A 111 26.45 -7.13 3.10
N GLU A 112 26.86 -8.28 2.54
CA GLU A 112 27.40 -9.36 3.37
C GLU A 112 28.59 -8.90 4.21
N ASP A 113 29.48 -8.10 3.64
CA ASP A 113 30.69 -7.68 4.34
C ASP A 113 30.41 -6.70 5.49
N ARG A 114 29.21 -6.12 5.56
CA ARG A 114 28.87 -5.16 6.60
C ARG A 114 27.91 -5.71 7.65
N ARG A 115 27.59 -6.99 7.62
CA ARG A 115 26.61 -7.56 8.55
C ARG A 115 27.13 -7.57 9.99
N GLY A 116 26.20 -7.64 10.93
CA GLY A 116 26.60 -7.70 12.33
C GLY A 116 27.07 -6.40 12.95
N ASP A 117 26.81 -5.26 12.30
CA ASP A 117 27.23 -3.96 12.80
C ASP A 117 26.07 -3.04 13.14
N GLY A 118 24.85 -3.56 13.26
CA GLY A 118 23.69 -2.76 13.58
C GLY A 118 22.97 -2.13 12.40
N LEU A 119 23.41 -2.41 11.16
CA LEU A 119 22.76 -1.82 9.99
C LEU A 119 21.34 -2.37 9.79
N GLY A 120 21.17 -3.70 9.89
CA GLY A 120 19.83 -4.25 9.79
C GLY A 120 18.93 -3.75 10.92
N THR A 121 19.51 -3.59 12.10
CA THR A 121 18.76 -2.98 13.20
C THR A 121 18.32 -1.55 12.84
N ALA A 122 19.21 -0.80 12.21
CA ALA A 122 18.85 0.56 11.83
C ALA A 122 17.76 0.57 10.76
N VAL A 123 17.80 -0.37 9.81
CA VAL A 123 16.73 -0.45 8.81
C VAL A 123 15.39 -0.75 9.48
N LEU A 124 15.36 -1.78 10.32
CA LEU A 124 14.11 -2.16 10.96
C LEU A 124 13.61 -1.07 11.92
N ASP A 125 14.51 -0.29 12.51
CA ASP A 125 14.09 0.86 13.32
C ASP A 125 13.25 1.83 12.49
N ALA A 126 13.75 2.19 11.31
CA ALA A 126 13.05 3.14 10.47
C ALA A 126 11.73 2.56 9.96
N LEU A 127 11.73 1.31 9.57
CA LEU A 127 10.51 0.68 9.07
C LEU A 127 9.46 0.56 10.17
N GLU A 128 9.89 0.21 11.39
CA GLU A 128 8.89 0.13 12.46
C GLU A 128 8.33 1.52 12.77
N GLN A 129 9.10 2.58 12.55
CA GLN A 129 8.55 3.92 12.72
C GLN A 129 7.44 4.18 11.71
N VAL A 130 7.65 3.76 10.47
CA VAL A 130 6.60 3.88 9.45
C VAL A 130 5.35 3.13 9.89
N ILE A 131 5.54 1.90 10.38
CA ILE A 131 4.41 1.04 10.74
C ILE A 131 3.59 1.65 11.87
N ARG A 132 4.29 2.10 12.93
CA ARG A 132 3.62 2.73 14.06
C ARG A 132 2.93 4.03 13.69
N GLY A 133 3.43 4.74 12.68
CA GLY A 133 2.84 6.01 12.33
C GLY A 133 1.74 5.92 11.31
N ALA A 134 1.64 4.81 10.58
CA ALA A 134 0.76 4.74 9.41
C ALA A 134 -0.22 3.58 9.39
N TYR A 135 0.00 2.49 10.13
CA TYR A 135 -0.75 1.29 9.90
C TYR A 135 -1.32 0.76 11.22
N GLN A 136 -2.26 -0.17 11.10
CA GLN A 136 -2.84 -0.80 12.28
C GLN A 136 -2.00 -1.96 12.77
N ILE A 137 -1.19 -2.53 11.89
CA ILE A 137 -0.48 -3.75 12.20
C ILE A 137 0.68 -3.85 11.22
N GLY A 138 1.82 -4.32 11.71
CA GLY A 138 2.92 -4.70 10.85
C GLY A 138 2.92 -6.21 10.71
N ALA A 139 3.46 -6.69 9.58
CA ALA A 139 3.55 -8.12 9.35
C ALA A 139 4.68 -8.41 8.38
N LEU A 140 5.22 -9.61 8.49
CA LEU A 140 6.23 -10.10 7.55
C LEU A 140 6.31 -11.60 7.64
N SER A 141 6.88 -12.19 6.59
CA SER A 141 7.12 -13.63 6.48
C SER A 141 8.63 -13.83 6.52
N ALA A 142 9.14 -14.28 7.68
CA ALA A 142 10.56 -14.23 7.97
C ALA A 142 11.28 -15.49 7.48
N SER A 143 12.43 -15.27 6.85
CA SER A 143 13.38 -16.35 6.62
C SER A 143 13.67 -17.06 7.94
N ASP A 144 13.81 -18.37 7.87
CA ASP A 144 14.05 -19.23 9.04
C ASP A 144 15.13 -18.66 9.99
N ILE A 145 16.24 -18.24 9.42
CA ILE A 145 17.35 -17.83 10.27
C ILE A 145 17.11 -16.46 10.90
N ALA A 146 16.21 -15.64 10.32
CA ALA A 146 15.96 -14.30 10.85
C ALA A 146 14.94 -14.28 11.99
N ARG A 147 14.37 -15.40 12.33
CA ARG A 147 13.27 -15.41 13.30
C ARG A 147 13.71 -14.99 14.71
N PRO A 148 14.85 -15.45 15.24
CA PRO A 148 15.28 -14.92 16.56
C PRO A 148 15.42 -13.40 16.59
N MET A 149 15.89 -12.78 15.51
CA MET A 149 16.00 -11.33 15.49
C MET A 149 14.64 -10.66 15.68
N TYR A 150 13.63 -11.15 14.97
CA TYR A 150 12.33 -10.49 15.01
C TYR A 150 11.67 -10.68 16.37
N ILE A 151 11.87 -11.84 16.99
CA ILE A 151 11.33 -12.05 18.33
C ILE A 151 11.94 -11.07 19.32
N ALA A 152 13.26 -10.86 19.24
CA ALA A 152 13.92 -9.93 20.16
C ALA A 152 13.42 -8.50 19.98
N ARG A 153 13.00 -8.12 18.78
CA ARG A 153 12.45 -6.79 18.57
C ARG A 153 10.99 -6.68 19.00
N GLY A 154 10.40 -7.73 19.54
CA GLY A 154 9.04 -7.67 20.01
C GLY A 154 7.98 -7.96 18.98
N TRP A 155 8.33 -8.60 17.87
CA TRP A 155 7.32 -9.13 16.97
C TRP A 155 6.76 -10.44 17.51
N LEU A 156 5.49 -10.68 17.26
CA LEU A 156 4.81 -11.87 17.75
C LEU A 156 4.81 -12.93 16.66
N SER A 157 5.15 -14.16 17.03
CA SER A 157 5.10 -15.24 16.05
C SER A 157 3.64 -15.66 15.87
N TRP A 158 3.20 -15.80 14.63
CA TRP A 158 1.85 -16.26 14.41
C TRP A 158 1.83 -17.78 14.47
N GLU A 159 0.92 -18.34 15.28
CA GLU A 159 0.91 -19.78 15.55
C GLU A 159 -0.13 -20.57 14.77
N GLY A 160 -1.22 -19.95 14.33
CA GLY A 160 -2.26 -20.64 13.61
C GLY A 160 -2.02 -20.74 12.11
N PRO A 161 -2.98 -21.30 11.37
CA PRO A 161 -2.76 -21.53 9.94
C PRO A 161 -2.86 -20.21 9.17
N THR A 162 -2.07 -20.12 8.12
CA THR A 162 -2.06 -18.94 7.27
C THR A 162 -2.77 -19.25 5.96
N SER A 163 -3.29 -18.22 5.32
CA SER A 163 -4.07 -18.43 4.11
C SER A 163 -3.99 -17.16 3.29
N VAL A 164 -4.53 -17.24 2.06
CA VAL A 164 -4.56 -16.15 1.09
C VAL A 164 -5.95 -16.14 0.46
N LEU A 165 -6.49 -14.93 0.29
CA LEU A 165 -7.78 -14.72 -0.33
C LEU A 165 -7.60 -14.62 -1.84
N THR A 166 -7.94 -15.68 -2.56
CA THR A 166 -7.70 -15.73 -3.99
C THR A 166 -8.93 -15.24 -4.76
N PRO A 167 -8.73 -14.74 -5.98
CA PRO A 167 -9.89 -14.30 -6.77
C PRO A 167 -10.61 -15.46 -7.47
N THR A 168 -10.05 -16.65 -7.51
CA THR A 168 -10.80 -17.73 -8.21
C THR A 168 -11.12 -18.84 -7.22
N GLU A 169 -10.21 -19.06 -6.30
CA GLU A 169 -10.51 -20.12 -5.35
C GLU A 169 -11.08 -19.42 -4.11
N GLY A 170 -11.34 -20.15 -3.06
CA GLY A 170 -11.74 -19.35 -1.93
C GLY A 170 -10.56 -18.70 -1.21
N ILE A 171 -10.66 -18.71 0.10
CA ILE A 171 -9.49 -18.60 0.95
C ILE A 171 -8.73 -19.92 0.88
N VAL A 172 -7.46 -19.87 0.50
CA VAL A 172 -6.69 -21.09 0.26
C VAL A 172 -5.54 -21.13 1.26
N ARG A 173 -5.39 -22.26 1.94
CA ARG A 173 -4.32 -22.40 2.92
C ARG A 173 -2.95 -22.28 2.24
N THR A 174 -2.00 -21.70 2.98
CA THR A 174 -0.62 -21.52 2.53
C THR A 174 0.31 -22.22 3.52
N PRO A 175 0.29 -23.56 3.58
CA PRO A 175 1.04 -24.27 4.62
C PRO A 175 2.54 -24.07 4.55
N GLU A 176 3.10 -23.72 3.39
CA GLU A 176 4.54 -23.48 3.33
C GLU A 176 4.94 -22.24 4.12
N ASP A 177 3.99 -21.35 4.41
CA ASP A 177 4.31 -20.13 5.15
C ASP A 177 3.91 -20.20 6.61
N ASP A 178 3.22 -21.26 7.04
CA ASP A 178 2.98 -21.44 8.46
C ASP A 178 4.31 -21.40 9.21
N ARG A 179 4.28 -20.83 10.40
CA ARG A 179 5.46 -20.66 11.26
C ARG A 179 6.47 -19.62 10.76
N SER A 180 6.25 -19.02 9.57
CA SER A 180 7.13 -17.96 9.10
C SER A 180 6.61 -16.55 9.43
N LEU A 181 5.31 -16.40 9.72
CA LEU A 181 4.68 -15.10 9.85
C LEU A 181 4.91 -14.47 11.23
N PHE A 182 5.22 -13.18 11.23
CA PHE A 182 5.33 -12.36 12.44
C PHE A 182 4.47 -11.12 12.29
N VAL A 183 3.86 -10.68 13.40
CA VAL A 183 3.06 -9.46 13.36
C VAL A 183 3.46 -8.53 14.50
N LEU A 184 3.13 -7.26 14.31
CA LEU A 184 3.47 -6.19 15.26
C LEU A 184 2.24 -5.31 15.38
N PRO A 185 1.40 -5.57 16.37
CA PRO A 185 0.11 -4.88 16.46
C PRO A 185 0.28 -3.50 17.12
N VAL A 186 0.11 -2.46 16.32
CA VAL A 186 0.46 -1.12 16.75
C VAL A 186 -0.77 -0.25 16.99
N ASP A 187 -1.87 -0.54 16.33
CA ASP A 187 -3.07 0.31 16.48
C ASP A 187 -4.28 -0.51 16.07
N LEU A 188 -4.54 -1.59 16.79
CA LEU A 188 -5.72 -2.43 16.51
C LEU A 188 -6.97 -1.63 16.88
N PRO A 189 -8.08 -1.83 16.16
CA PRO A 189 -9.30 -1.11 16.44
C PRO A 189 -9.86 -1.48 17.82
N ASP A 190 -10.44 -0.48 18.48
CA ASP A 190 -11.16 -0.52 19.78
C ASP A 190 -10.86 -1.75 20.63
N GLY A 191 -11.70 -2.78 20.55
CA GLY A 191 -11.50 -3.89 21.48
C GLY A 191 -10.78 -5.09 20.89
N LEU A 192 -10.40 -5.02 19.61
CA LEU A 192 -9.73 -6.16 18.99
C LEU A 192 -8.45 -6.51 19.75
N GLU A 193 -8.31 -7.78 20.07
CA GLU A 193 -7.04 -8.31 20.61
C GLU A 193 -6.75 -9.60 19.81
N LEU A 194 -5.69 -9.59 19.02
CA LEU A 194 -5.31 -10.72 18.18
C LEU A 194 -5.10 -11.98 19.02
N ASP A 195 -5.71 -13.08 18.60
CA ASP A 195 -5.40 -14.41 19.10
C ASP A 195 -4.54 -15.09 18.05
N THR A 196 -3.24 -15.28 18.34
CA THR A 196 -2.33 -15.74 17.29
C THR A 196 -2.49 -17.21 16.95
N ALA A 197 -3.38 -17.93 17.63
CA ALA A 197 -3.65 -19.31 17.29
C ALA A 197 -4.71 -19.45 16.21
N ARG A 198 -5.46 -18.41 15.91
CA ARG A 198 -6.51 -18.48 14.89
C ARG A 198 -5.91 -18.38 13.48
N GLU A 199 -6.76 -18.54 12.48
CA GLU A 199 -6.31 -18.35 11.10
C GLU A 199 -6.07 -16.87 10.82
N ILE A 200 -5.18 -16.58 9.85
CA ILE A 200 -5.02 -15.22 9.33
C ILE A 200 -4.76 -15.31 7.82
N THR A 201 -5.18 -14.28 7.10
CA THR A 201 -5.32 -14.39 5.65
C THR A 201 -4.80 -13.13 5.01
N CYS A 202 -3.98 -13.28 3.98
CA CYS A 202 -3.46 -12.09 3.32
C CYS A 202 -4.24 -11.85 2.02
N ASP A 203 -4.17 -10.61 1.54
CA ASP A 203 -4.78 -10.33 0.25
C ASP A 203 -3.96 -10.95 -0.89
N TRP A 204 -4.57 -10.98 -2.06
CA TRP A 204 -3.98 -11.71 -3.18
C TRP A 204 -2.88 -10.90 -3.85
N ARG A 205 -1.81 -11.57 -4.24
CA ARG A 205 -0.84 -11.00 -5.17
C ARG A 205 -0.16 -12.16 -5.89
N SER A 206 0.53 -11.83 -6.99
CA SER A 206 1.25 -12.84 -7.73
C SER A 206 2.51 -13.26 -6.98
N GLY A 207 3.06 -14.42 -7.35
CA GLY A 207 4.23 -14.90 -6.63
C GLY A 207 3.88 -15.34 -5.22
N ASP A 208 4.86 -15.27 -4.32
CA ASP A 208 4.64 -15.69 -2.93
C ASP A 208 3.64 -14.76 -2.27
N PRO A 209 2.48 -15.26 -1.81
CA PRO A 209 1.48 -14.35 -1.20
C PRO A 209 1.94 -13.77 0.12
N TRP A 210 2.74 -14.50 0.88
CA TRP A 210 3.28 -14.05 2.14
C TRP A 210 4.75 -13.74 1.95
N ILE B 15 1.45 30.48 -8.63
CA ILE B 15 0.94 29.08 -8.69
C ILE B 15 1.34 28.38 -7.39
N HIS B 16 0.47 27.49 -6.91
CA HIS B 16 0.70 26.72 -5.70
C HIS B 16 1.28 25.35 -6.04
N THR B 17 2.08 24.82 -5.13
CA THR B 17 2.65 23.49 -5.26
C THR B 17 2.37 22.70 -3.99
N ALA B 18 1.95 21.45 -4.15
CA ALA B 18 1.63 20.60 -3.02
C ALA B 18 2.89 19.92 -2.48
N ARG B 19 2.94 19.76 -1.17
CA ARG B 19 3.96 18.91 -0.57
C ARG B 19 3.45 17.48 -0.48
N LEU B 20 4.35 16.52 -0.65
CA LEU B 20 4.03 15.10 -0.58
C LEU B 20 4.64 14.50 0.67
N ILE B 21 3.80 13.96 1.55
CA ILE B 21 4.20 13.49 2.88
C ILE B 21 3.57 12.14 3.12
N HIS B 22 4.35 11.19 3.63
CA HIS B 22 3.77 9.91 3.98
C HIS B 22 2.95 10.03 5.26
N THR B 23 1.92 9.19 5.39
CA THR B 23 1.05 9.22 6.58
C THR B 23 1.89 9.17 7.86
N SER B 24 2.96 8.36 7.84
CA SER B 24 3.77 8.19 9.04
C SER B 24 4.57 9.45 9.39
N ASP B 25 4.75 10.36 8.43
CA ASP B 25 5.46 11.61 8.64
C ASP B 25 4.50 12.73 9.03
N LEU B 26 3.24 12.41 9.29
CA LEU B 26 2.24 13.38 9.70
C LEU B 26 2.03 13.27 11.20
N ASP B 27 2.19 14.37 11.92
CA ASP B 27 1.82 14.39 13.33
C ASP B 27 0.30 14.25 13.47
N GLN B 28 -0.16 14.01 14.71
CA GLN B 28 -1.59 13.86 14.92
C GLN B 28 -2.33 15.18 14.74
N GLU B 29 -1.74 16.30 15.21
CA GLU B 29 -2.34 17.60 14.96
C GLU B 29 -2.58 17.82 13.47
N THR B 30 -1.56 17.56 12.64
CA THR B 30 -1.72 17.81 11.22
C THR B 30 -2.63 16.78 10.57
N ARG B 31 -2.63 15.53 11.04
CA ARG B 31 -3.59 14.57 10.53
C ARG B 31 -5.02 14.97 10.90
N ASP B 32 -5.23 15.44 12.13
CA ASP B 32 -6.57 15.85 12.56
C ASP B 32 -7.03 17.07 11.78
N GLY B 33 -6.13 18.02 11.53
CA GLY B 33 -6.49 19.19 10.74
C GLY B 33 -6.84 18.83 9.30
N ALA B 34 -6.11 17.87 8.72
CA ALA B 34 -6.44 17.40 7.38
C ALA B 34 -7.79 16.70 7.36
N ARG B 35 -8.05 15.85 8.35
CA ARG B 35 -9.32 15.15 8.42
C ARG B 35 -10.48 16.14 8.53
N ARG B 36 -10.33 17.14 9.41
CA ARG B 36 -11.41 18.11 9.57
C ARG B 36 -11.59 18.95 8.32
N MET B 37 -10.51 19.27 7.60
CA MET B 37 -10.67 20.01 6.35
C MET B 37 -11.38 19.17 5.30
N VAL B 38 -11.02 17.88 5.20
CA VAL B 38 -11.64 17.00 4.22
C VAL B 38 -13.12 16.79 4.53
N ILE B 39 -13.45 16.55 5.80
CA ILE B 39 -14.85 16.33 6.17
C ILE B 39 -15.70 17.54 5.79
N GLU B 40 -15.21 18.75 6.10
CA GLU B 40 -15.97 19.95 5.77
C GLU B 40 -16.12 20.10 4.26
N ALA B 41 -15.07 19.75 3.50
CA ALA B 41 -15.11 19.91 2.06
C ALA B 41 -16.15 19.01 1.41
N PHE B 42 -16.38 17.85 2.01
CA PHE B 42 -17.38 16.89 1.48
C PHE B 42 -18.78 17.16 2.03
N ARG B 43 -18.94 18.03 3.02
CA ARG B 43 -20.27 18.33 3.62
C ARG B 43 -21.24 18.81 2.54
N ASP B 44 -22.44 18.22 2.51
CA ASP B 44 -23.48 18.57 1.49
C ASP B 44 -24.05 19.97 1.75
N ASP B 54 -21.20 13.25 5.00
CA ASP B 54 -20.77 12.50 3.79
C ASP B 54 -19.39 11.84 3.89
N PHE B 55 -18.45 12.38 4.65
CA PHE B 55 -17.13 11.72 4.79
C PHE B 55 -17.14 10.98 6.12
N THR B 56 -17.09 9.65 6.09
CA THR B 56 -17.24 8.81 7.30
C THR B 56 -15.90 8.39 7.93
N ASP B 57 -15.99 7.71 9.07
CA ASP B 57 -14.78 7.22 9.71
C ASP B 57 -14.04 6.25 8.81
N ASP B 58 -14.76 5.37 8.12
CA ASP B 58 -14.14 4.47 7.15
C ASP B 58 -13.51 5.24 6.00
N ASP B 59 -14.17 6.32 5.53
CA ASP B 59 -13.59 7.08 4.44
C ASP B 59 -12.22 7.63 4.81
N TRP B 60 -12.06 8.04 6.07
CA TRP B 60 -10.76 8.54 6.52
C TRP B 60 -9.74 7.42 6.58
N ASP B 61 -10.11 6.26 7.16
CA ASP B 61 -9.21 5.11 7.18
C ASP B 61 -8.65 4.81 5.79
N HIS B 62 -9.50 4.96 4.77
CA HIS B 62 -9.10 4.64 3.41
C HIS B 62 -8.03 5.59 2.91
N ALA B 63 -7.98 6.80 3.45
CA ALA B 63 -7.00 7.78 3.01
C ALA B 63 -5.66 7.66 3.72
N LEU B 64 -5.53 6.73 4.67
CA LEU B 64 -4.31 6.58 5.46
C LEU B 64 -3.45 5.44 4.94
N GLY B 65 -2.14 5.58 5.13
CA GLY B 65 -1.19 4.54 4.78
C GLY B 65 -0.33 4.83 3.58
N GLY B 66 -0.62 5.89 2.82
CA GLY B 66 0.16 6.21 1.65
C GLY B 66 0.76 7.61 1.69
N MET B 67 0.77 8.29 0.54
CA MET B 67 1.34 9.63 0.41
C MET B 67 0.22 10.65 0.40
N HIS B 68 0.36 11.71 1.19
CA HIS B 68 -0.59 12.79 1.20
C HIS B 68 -0.02 13.98 0.43
N ALA B 69 -0.85 14.59 -0.40
CA ALA B 69 -0.56 15.89 -0.99
C ALA B 69 -1.28 16.97 -0.18
N LEU B 70 -0.51 17.99 0.23
CA LEU B 70 -0.97 18.99 1.18
C LEU B 70 -0.61 20.38 0.68
N ILE B 71 -1.55 21.31 0.83
CA ILE B 71 -1.31 22.73 0.58
C ILE B 71 -1.88 23.51 1.77
N SER B 72 -1.04 24.35 2.36
CA SER B 72 -1.44 25.12 3.52
C SER B 72 -1.18 26.58 3.22
N HIS B 73 -1.97 27.44 3.87
CA HIS B 73 -1.79 28.88 3.76
C HIS B 73 -1.89 29.44 5.18
N HIS B 74 -0.78 29.97 5.68
CA HIS B 74 -0.71 30.53 7.02
C HIS B 74 -1.23 29.53 8.07
N GLY B 75 -0.74 28.29 7.98
CA GLY B 75 -1.02 27.28 8.97
C GLY B 75 -2.37 26.59 8.84
N ALA B 76 -3.24 27.04 7.94
CA ALA B 76 -4.50 26.37 7.68
C ALA B 76 -4.37 25.55 6.40
N LEU B 77 -4.80 24.29 6.47
CA LEU B 77 -4.76 23.45 5.29
C LEU B 77 -5.88 23.86 4.34
N ILE B 78 -5.54 24.08 3.07
CA ILE B 78 -6.54 24.47 2.08
C ILE B 78 -6.74 23.46 0.97
N ALA B 79 -5.87 22.45 0.83
CA ALA B 79 -6.10 21.37 -0.13
C ALA B 79 -5.49 20.07 0.38
N HIS B 80 -6.11 18.95 -0.01
CA HIS B 80 -5.65 17.62 0.40
C HIS B 80 -5.93 16.59 -0.68
N GLY B 81 -5.08 15.56 -0.71
CA GLY B 81 -5.37 14.35 -1.46
C GLY B 81 -4.44 13.27 -0.99
N ALA B 82 -4.82 12.02 -1.22
CA ALA B 82 -4.00 10.90 -0.80
C ALA B 82 -3.98 9.84 -1.89
N VAL B 83 -2.88 9.10 -1.95
CA VAL B 83 -2.79 7.93 -2.83
C VAL B 83 -2.25 6.77 -2.01
N VAL B 84 -3.04 5.70 -1.92
CA VAL B 84 -2.74 4.55 -1.07
C VAL B 84 -2.64 3.31 -1.96
N GLN B 85 -1.83 2.36 -1.52
CA GLN B 85 -1.57 1.19 -2.33
C GLN B 85 -2.64 0.14 -2.10
N ARG B 86 -3.13 -0.45 -3.19
CA ARG B 86 -3.98 -1.63 -3.10
C ARG B 86 -3.74 -2.49 -4.32
N ARG B 87 -4.47 -3.59 -4.42
CA ARG B 87 -4.44 -4.47 -5.58
C ARG B 87 -5.74 -4.31 -6.34
N LEU B 88 -5.66 -4.16 -7.66
CA LEU B 88 -6.82 -4.25 -8.55
C LEU B 88 -6.68 -5.51 -9.38
N MET B 89 -7.74 -6.33 -9.45
CA MET B 89 -7.67 -7.61 -10.12
C MET B 89 -8.40 -7.55 -11.45
N TYR B 90 -7.74 -8.03 -12.49
CA TYR B 90 -8.22 -7.98 -13.86
C TYR B 90 -7.88 -9.30 -14.53
N ARG B 91 -8.85 -9.88 -15.22
CA ARG B 91 -8.65 -11.12 -15.97
C ARG B 91 -8.88 -10.82 -17.44
N GLY B 92 -7.86 -11.04 -18.26
CA GLY B 92 -7.98 -10.77 -19.68
C GLY B 92 -8.83 -11.79 -20.40
N PRO B 93 -9.14 -11.53 -21.67
CA PRO B 93 -9.92 -12.50 -22.47
C PRO B 93 -9.32 -13.89 -22.50
N ASP B 94 -7.99 -14.00 -22.48
CA ASP B 94 -7.34 -15.30 -22.55
C ASP B 94 -7.46 -16.08 -21.26
N GLY B 95 -8.06 -15.47 -20.24
CA GLY B 95 -8.32 -16.13 -18.95
C GLY B 95 -7.25 -15.92 -17.91
N ARG B 96 -6.13 -15.33 -18.27
CA ARG B 96 -5.05 -15.11 -17.28
C ARG B 96 -5.43 -14.02 -16.29
N GLY B 97 -5.10 -14.22 -15.03
CA GLY B 97 -5.41 -13.23 -14.00
C GLY B 97 -4.26 -12.25 -13.74
N HIS B 98 -4.60 -11.02 -13.38
CA HIS B 98 -3.61 -10.02 -13.02
C HIS B 98 -4.01 -9.33 -11.73
N ALA B 99 -3.06 -9.16 -10.82
CA ALA B 99 -3.27 -8.47 -9.56
C ALA B 99 -2.34 -7.25 -9.57
N LEU B 100 -2.85 -6.14 -10.06
CA LEU B 100 -2.03 -4.97 -10.36
C LEU B 100 -1.77 -4.15 -9.10
N ARG B 101 -0.51 -3.70 -8.95
CA ARG B 101 -0.15 -2.77 -7.88
C ARG B 101 -0.79 -1.42 -8.21
N CYS B 102 -1.79 -1.03 -7.43
CA CYS B 102 -2.63 0.12 -7.75
C CYS B 102 -2.38 1.27 -6.79
N GLY B 103 -2.14 2.46 -7.33
CA GLY B 103 -2.20 3.66 -6.53
C GLY B 103 -3.61 4.23 -6.54
N TYR B 104 -4.30 4.16 -5.41
CA TYR B 104 -5.72 4.49 -5.34
C TYR B 104 -5.90 5.88 -4.72
N VAL B 105 -6.63 6.77 -5.42
CA VAL B 105 -6.70 8.17 -5.05
C VAL B 105 -7.91 8.41 -4.14
N GLU B 106 -7.67 9.00 -2.95
CA GLU B 106 -8.69 9.19 -1.92
C GLU B 106 -8.68 10.62 -1.40
N ALA B 107 -9.85 11.08 -0.94
CA ALA B 107 -9.94 12.27 -0.07
C ALA B 107 -9.37 13.53 -0.75
N VAL B 108 -9.59 13.66 -2.05
CA VAL B 108 -9.15 14.85 -2.77
C VAL B 108 -10.13 15.97 -2.45
N ALA B 109 -9.61 17.11 -1.98
CA ALA B 109 -10.49 18.17 -1.48
C ALA B 109 -9.76 19.51 -1.43
N VAL B 110 -10.48 20.56 -1.80
CA VAL B 110 -10.02 21.94 -1.68
C VAL B 110 -11.03 22.70 -0.83
N ARG B 111 -10.53 23.52 0.10
CA ARG B 111 -11.41 24.33 0.93
C ARG B 111 -12.32 25.19 0.05
N GLU B 112 -13.59 25.27 0.45
CA GLU B 112 -14.62 25.87 -0.40
C GLU B 112 -14.20 27.25 -0.90
N ASP B 113 -13.85 28.15 0.02
CA ASP B 113 -13.50 29.52 -0.34
C ASP B 113 -12.26 29.61 -1.23
N ARG B 114 -11.53 28.52 -1.44
CA ARG B 114 -10.33 28.53 -2.28
C ARG B 114 -10.50 27.71 -3.56
N ARG B 115 -11.72 27.32 -3.91
CA ARG B 115 -11.95 26.48 -5.08
C ARG B 115 -11.92 27.29 -6.38
N GLY B 116 -11.66 26.59 -7.48
CA GLY B 116 -11.62 27.22 -8.78
C GLY B 116 -10.32 27.93 -9.12
N ASP B 117 -9.31 27.82 -8.27
CA ASP B 117 -8.03 28.48 -8.44
C ASP B 117 -6.90 27.53 -8.82
N GLY B 118 -7.21 26.29 -9.22
CA GLY B 118 -6.16 25.35 -9.58
C GLY B 118 -5.51 24.60 -8.44
N LEU B 119 -6.07 24.65 -7.22
CA LEU B 119 -5.52 23.86 -6.13
C LEU B 119 -5.82 22.37 -6.31
N GLY B 120 -6.98 22.04 -6.88
CA GLY B 120 -7.25 20.65 -7.24
C GLY B 120 -6.25 20.11 -8.23
N THR B 121 -5.89 20.93 -9.24
CA THR B 121 -4.86 20.54 -10.21
C THR B 121 -3.52 20.32 -9.53
N ALA B 122 -3.15 21.18 -8.59
CA ALA B 122 -1.87 21.00 -7.92
C ALA B 122 -1.84 19.70 -7.13
N VAL B 123 -2.95 19.36 -6.49
CA VAL B 123 -3.01 18.11 -5.71
C VAL B 123 -2.83 16.91 -6.64
N LEU B 124 -3.54 16.91 -7.76
CA LEU B 124 -3.46 15.78 -8.67
C LEU B 124 -2.08 15.67 -9.31
N ASP B 125 -1.45 16.81 -9.63
CA ASP B 125 -0.10 16.78 -10.18
C ASP B 125 0.85 16.04 -9.24
N ALA B 126 0.75 16.30 -7.94
CA ALA B 126 1.65 15.62 -7.01
C ALA B 126 1.26 14.16 -6.83
N LEU B 127 -0.04 13.88 -6.74
CA LEU B 127 -0.45 12.48 -6.59
C LEU B 127 -0.10 11.68 -7.84
N GLU B 128 -0.30 12.25 -9.04
CA GLU B 128 0.03 11.50 -10.26
C GLU B 128 1.53 11.25 -10.41
N GLN B 129 2.36 12.15 -9.89
CA GLN B 129 3.78 11.84 -9.83
C GLN B 129 4.03 10.59 -8.98
N VAL B 130 3.34 10.47 -7.84
CA VAL B 130 3.47 9.24 -7.05
C VAL B 130 3.00 8.03 -7.84
N ILE B 131 1.87 8.16 -8.53
CA ILE B 131 1.33 7.03 -9.27
C ILE B 131 2.29 6.61 -10.37
N ARG B 132 2.81 7.58 -11.11
CA ARG B 132 3.67 7.23 -12.23
C ARG B 132 5.01 6.69 -11.75
N GLY B 133 5.45 7.10 -10.56
CA GLY B 133 6.75 6.67 -10.07
C GLY B 133 6.75 5.32 -9.40
N ALA B 134 5.60 4.85 -8.91
CA ALA B 134 5.57 3.73 -7.99
C ALA B 134 4.57 2.61 -8.29
N TYR B 135 3.57 2.82 -9.15
CA TYR B 135 2.50 1.85 -9.30
C TYR B 135 2.34 1.44 -10.77
N GLN B 136 1.59 0.37 -10.99
CA GLN B 136 1.28 -0.07 -12.34
C GLN B 136 0.05 0.61 -12.91
N ILE B 137 -0.83 1.09 -12.04
CA ILE B 137 -2.08 1.71 -12.46
C ILE B 137 -2.55 2.63 -11.34
N GLY B 138 -3.17 3.74 -11.73
CA GLY B 138 -3.90 4.57 -10.79
C GLY B 138 -5.38 4.31 -10.97
N ALA B 139 -6.13 4.46 -9.88
CA ALA B 139 -7.57 4.23 -9.90
C ALA B 139 -8.24 5.10 -8.85
N LEU B 140 -9.50 5.43 -9.08
CA LEU B 140 -10.25 6.27 -8.16
C LEU B 140 -11.73 6.14 -8.48
N SER B 141 -12.57 6.42 -7.50
CA SER B 141 -14.03 6.43 -7.64
C SER B 141 -14.54 7.85 -7.45
N ALA B 142 -14.78 8.55 -8.56
CA ALA B 142 -14.92 9.99 -8.55
C ALA B 142 -16.33 10.44 -8.19
N SER B 143 -16.41 11.53 -7.42
CA SER B 143 -17.69 12.21 -7.26
C SER B 143 -18.11 12.84 -8.59
N ASP B 144 -19.41 13.09 -8.71
CA ASP B 144 -19.95 13.64 -9.96
C ASP B 144 -19.29 14.95 -10.34
N ILE B 145 -19.04 15.82 -9.36
CA ILE B 145 -18.48 17.15 -9.63
C ILE B 145 -17.08 17.04 -10.24
N ALA B 146 -16.31 16.02 -9.85
CA ALA B 146 -14.92 15.92 -10.24
C ALA B 146 -14.70 15.22 -11.57
N ARG B 147 -15.75 14.66 -12.18
CA ARG B 147 -15.58 13.86 -13.39
C ARG B 147 -14.89 14.62 -14.52
N PRO B 148 -15.36 15.81 -14.95
CA PRO B 148 -14.64 16.49 -16.04
C PRO B 148 -13.19 16.76 -15.71
N MET B 149 -12.88 16.99 -14.44
CA MET B 149 -11.50 17.24 -14.07
C MET B 149 -10.60 16.05 -14.40
N TYR B 150 -11.03 14.85 -14.03
CA TYR B 150 -10.22 13.66 -14.28
C TYR B 150 -10.16 13.33 -15.77
N ILE B 151 -11.30 13.43 -16.45
CA ILE B 151 -11.32 13.21 -17.90
C ILE B 151 -10.30 14.12 -18.58
N ALA B 152 -10.27 15.40 -18.17
CA ALA B 152 -9.36 16.36 -18.79
C ALA B 152 -7.90 16.01 -18.55
N ARG B 153 -7.60 15.30 -17.46
CA ARG B 153 -6.22 14.93 -17.18
C ARG B 153 -5.82 13.62 -17.83
N GLY B 154 -6.71 12.97 -18.56
CA GLY B 154 -6.38 11.74 -19.26
C GLY B 154 -6.71 10.45 -18.53
N TRP B 155 -7.44 10.52 -17.42
CA TRP B 155 -7.94 9.31 -16.79
C TRP B 155 -9.02 8.70 -17.66
N LEU B 156 -9.03 7.36 -17.73
CA LEU B 156 -10.04 6.65 -18.52
C LEU B 156 -11.20 6.24 -17.63
N SER B 157 -12.41 6.52 -18.09
CA SER B 157 -13.58 6.01 -17.39
C SER B 157 -13.69 4.51 -17.62
N TRP B 158 -13.97 3.75 -16.56
CA TRP B 158 -14.16 2.32 -16.71
C TRP B 158 -15.60 2.05 -17.12
N GLU B 159 -15.78 1.26 -18.18
CA GLU B 159 -17.09 1.07 -18.77
C GLU B 159 -17.78 -0.24 -18.36
N GLY B 160 -17.03 -1.25 -17.95
CA GLY B 160 -17.61 -2.52 -17.60
C GLY B 160 -18.02 -2.62 -16.15
N PRO B 161 -18.51 -3.79 -15.75
CA PRO B 161 -18.96 -3.97 -14.37
C PRO B 161 -17.80 -3.89 -13.39
N THR B 162 -18.08 -3.37 -12.20
CA THR B 162 -17.07 -3.37 -11.13
C THR B 162 -17.49 -4.35 -10.05
N SER B 163 -16.52 -4.75 -9.24
CA SER B 163 -16.79 -5.73 -8.21
C SER B 163 -15.72 -5.60 -7.14
N VAL B 164 -15.97 -6.26 -6.01
CA VAL B 164 -15.02 -6.36 -4.92
C VAL B 164 -14.83 -7.84 -4.58
N LEU B 165 -13.60 -8.22 -4.27
CA LEU B 165 -13.30 -9.59 -3.84
C LEU B 165 -13.52 -9.67 -2.33
N THR B 166 -14.61 -10.35 -1.91
CA THR B 166 -14.94 -10.42 -0.51
C THR B 166 -14.31 -11.64 0.13
N PRO B 167 -14.18 -11.66 1.47
CA PRO B 167 -13.60 -12.84 2.11
C PRO B 167 -14.57 -13.98 2.29
N THR B 168 -15.87 -13.73 2.16
CA THR B 168 -16.83 -14.81 2.48
C THR B 168 -17.72 -15.20 1.28
N GLU B 169 -17.89 -14.36 0.28
CA GLU B 169 -18.76 -14.69 -0.84
C GLU B 169 -18.07 -14.59 -2.19
N GLY B 170 -16.75 -14.59 -2.23
CA GLY B 170 -16.11 -14.45 -3.51
C GLY B 170 -16.28 -13.05 -4.07
N ILE B 171 -16.27 -12.97 -5.40
CA ILE B 171 -16.39 -11.70 -6.12
C ILE B 171 -17.86 -11.28 -6.11
N VAL B 172 -18.12 -10.04 -5.68
CA VAL B 172 -19.48 -9.54 -5.57
C VAL B 172 -19.60 -8.25 -6.36
N ARG B 173 -20.66 -8.12 -7.17
CA ARG B 173 -20.83 -6.92 -7.98
C ARG B 173 -21.03 -5.68 -7.09
N THR B 174 -20.52 -4.54 -7.57
CA THR B 174 -20.69 -3.25 -6.91
C THR B 174 -21.29 -2.25 -7.89
N PRO B 175 -22.58 -2.43 -8.26
CA PRO B 175 -23.14 -1.63 -9.37
C PRO B 175 -23.21 -0.12 -9.16
N GLU B 176 -23.28 0.31 -7.90
CA GLU B 176 -23.33 1.78 -7.63
C GLU B 176 -21.99 2.45 -7.95
N ASP B 177 -20.95 1.69 -8.25
CA ASP B 177 -19.63 2.24 -8.51
C ASP B 177 -19.24 2.18 -9.97
N ASP B 178 -20.04 1.53 -10.83
CA ASP B 178 -19.69 1.38 -12.23
C ASP B 178 -19.46 2.74 -12.90
N ARG B 179 -20.40 3.67 -12.71
CA ARG B 179 -20.26 4.98 -13.34
C ARG B 179 -19.10 5.78 -12.77
N SER B 180 -18.66 5.46 -11.56
CA SER B 180 -17.72 6.29 -10.82
C SER B 180 -16.25 6.03 -11.18
N LEU B 181 -15.90 4.83 -11.66
CA LEU B 181 -14.50 4.41 -11.65
C LEU B 181 -13.70 4.97 -12.82
N PHE B 182 -12.55 5.56 -12.52
CA PHE B 182 -11.55 5.96 -13.48
C PHE B 182 -10.24 5.26 -13.21
N VAL B 183 -9.51 4.96 -14.27
CA VAL B 183 -8.21 4.34 -14.13
C VAL B 183 -7.19 5.12 -14.92
N LEU B 184 -5.92 4.97 -14.53
CA LEU B 184 -4.80 5.64 -15.19
C LEU B 184 -3.68 4.63 -15.37
N PRO B 185 -3.62 3.96 -16.51
CA PRO B 185 -2.60 2.93 -16.75
C PRO B 185 -1.25 3.58 -17.03
N VAL B 186 -0.26 3.29 -16.20
CA VAL B 186 1.02 3.97 -16.33
C VAL B 186 2.13 2.95 -16.59
N ASP B 187 2.01 1.74 -16.04
CA ASP B 187 3.10 0.78 -16.16
C ASP B 187 2.56 -0.65 -16.11
N LEU B 188 1.69 -0.97 -17.04
CA LEU B 188 1.11 -2.32 -17.07
C LEU B 188 2.16 -3.33 -17.50
N PRO B 189 2.07 -4.60 -17.06
CA PRO B 189 2.98 -5.67 -17.48
C PRO B 189 3.06 -5.83 -19.00
N ASP B 190 4.26 -6.10 -19.51
CA ASP B 190 4.53 -6.29 -20.96
C ASP B 190 3.44 -7.13 -21.61
N GLY B 191 2.79 -6.55 -22.62
CA GLY B 191 1.77 -7.24 -23.42
C GLY B 191 0.38 -7.15 -22.83
N LEU B 192 0.22 -6.58 -21.64
CA LEU B 192 -1.16 -6.50 -21.10
C LEU B 192 -1.81 -5.21 -21.59
N GLU B 193 -3.03 -5.31 -22.09
CA GLU B 193 -3.76 -4.11 -22.56
C GLU B 193 -5.17 -4.13 -21.95
N LEU B 194 -5.45 -3.16 -21.10
CA LEU B 194 -6.77 -3.13 -20.42
C LEU B 194 -7.89 -2.89 -21.42
N ASP B 195 -8.89 -3.75 -21.38
CA ASP B 195 -10.16 -3.57 -22.07
C ASP B 195 -11.16 -3.03 -21.03
N THR B 196 -11.45 -1.72 -21.10
CA THR B 196 -12.29 -1.10 -20.07
C THR B 196 -13.74 -1.58 -20.10
N ALA B 197 -14.13 -2.38 -21.10
CA ALA B 197 -15.46 -2.98 -21.06
C ALA B 197 -15.52 -4.26 -20.24
N ARG B 198 -14.37 -4.81 -19.84
CA ARG B 198 -14.41 -6.03 -19.04
C ARG B 198 -14.64 -5.70 -17.56
N GLU B 199 -14.90 -6.73 -16.78
CA GLU B 199 -15.01 -6.56 -15.33
C GLU B 199 -13.64 -6.18 -14.74
N ILE B 200 -13.68 -5.41 -13.65
CA ILE B 200 -12.50 -5.15 -12.84
C ILE B 200 -12.90 -5.23 -11.37
N THR B 201 -11.98 -5.75 -10.55
CA THR B 201 -12.27 -6.11 -9.16
C THR B 201 -11.24 -5.46 -8.26
N CYS B 202 -11.69 -4.87 -7.16
CA CYS B 202 -10.81 -4.30 -6.15
C CYS B 202 -10.67 -5.27 -4.98
N ASP B 203 -9.59 -5.11 -4.21
CA ASP B 203 -9.44 -5.95 -3.02
C ASP B 203 -10.38 -5.46 -1.90
N TRP B 204 -10.44 -6.25 -0.83
CA TRP B 204 -11.48 -6.08 0.19
C TRP B 204 -11.08 -5.04 1.22
N ARG B 205 -12.06 -4.24 1.67
CA ARG B 205 -11.91 -3.36 2.83
C ARG B 205 -13.28 -3.03 3.38
N SER B 206 -13.31 -2.52 4.62
CA SER B 206 -14.57 -2.15 5.24
C SER B 206 -15.10 -0.87 4.59
N GLY B 207 -16.41 -0.67 4.71
CA GLY B 207 -17.00 0.53 4.13
C GLY B 207 -17.09 0.45 2.62
N ASP B 208 -16.92 1.59 1.96
CA ASP B 208 -16.97 1.66 0.51
C ASP B 208 -15.81 0.88 -0.11
N PRO B 209 -16.06 -0.20 -0.85
CA PRO B 209 -14.95 -0.91 -1.51
C PRO B 209 -14.22 -0.05 -2.52
N TRP B 210 -14.94 0.73 -3.32
CA TRP B 210 -14.34 1.65 -4.28
C TRP B 210 -14.37 3.08 -3.73
C1 NMY C . 11.83 -13.70 2.67
O1 NMY C . 10.52 -14.18 2.66
C2 NMY C . 11.75 -12.21 2.89
N2 NMY C . 11.05 -11.80 4.10
C3 NMY C . 11.16 -11.53 1.67
O3 NMY C . 11.07 -10.13 1.85
C4 NMY C . 11.94 -11.90 0.43
O4 NMY C . 11.29 -11.40 -0.73
C5 NMY C . 12.05 -13.40 0.30
O5 NMY C . 12.55 -13.99 1.50
C6 NMY C . 12.91 -13.80 -0.88
C7 NMY C . 8.58 -17.69 3.71
N7 NMY C . 7.92 -19.01 3.81
C12 NMY C . 10.10 -17.84 3.56
C11 NMY C . 10.74 -16.46 3.55
O11 NMY C . 12.16 -16.57 3.43
C10 NMY C . 10.18 -15.55 2.45
C9 NMY C . 8.65 -15.52 2.50
N9 NMY C . 8.11 -14.75 1.35
C8 NMY C . 8.04 -16.91 2.52
C13 NMY C . 12.59 -17.22 2.30
C14 NMY C . 14.00 -16.78 1.93
C15 NMY C . 14.86 -17.79 2.68
C16 NMY C . 14.02 -19.06 2.55
O16 NMY C . 12.66 -18.62 2.45
C17 NMY C . 14.20 -20.04 3.68
C21 NMY C . 20.00 -17.94 3.31
C20 NMY C . 19.53 -16.77 2.44
C19 NMY C . 18.23 -17.11 1.71
C18 NMY C . 17.21 -17.64 2.69
O18 NMY C . 16.06 -18.01 2.00
C22 NMY C . 18.84 -18.59 4.07
O22 NMY C . 17.75 -18.82 3.19
C23 NMY C . 19.19 -19.92 4.71
N6 NMY C . 12.81 -15.22 -1.26
O14 NMY C . 14.22 -16.80 0.54
O20 NMY C . 19.27 -15.59 3.19
O21 NMY C . 20.56 -18.98 2.52
O17 NMY C . 13.77 -19.51 4.92
O12 NMY C . 10.57 -18.63 4.64
N19 NMY C . 18.81 -21.11 3.91
N23 NMY C . 18.53 -18.02 0.61
N1A COA D . 25.68 -10.70 12.60
C2A COA D . 25.04 -10.33 13.70
N3A COA D . 23.78 -10.47 14.03
C4A COA D . 23.14 -11.11 13.05
C5A COA D . 23.64 -11.59 11.87
C6A COA D . 25.01 -11.38 11.65
N6A COA D . 25.66 -11.75 10.56
N7A COA D . 22.67 -12.21 11.14
C8A COA D . 21.60 -12.09 11.89
N9A COA D . 21.83 -11.45 13.07
C1B COA D . 20.88 -11.05 14.10
C2B COA D . 21.27 -10.95 15.56
O2B COA D . 20.39 -11.65 16.41
C3B COA D . 21.19 -9.46 15.89
O3B COA D . 20.70 -9.16 17.21
P3B COA D . 21.61 -8.28 18.29
O7A COA D . 20.76 -8.07 19.46
O8A COA D . 22.18 -6.98 17.84
O9A COA D . 22.69 -9.25 18.62
C4B COA D . 20.23 -8.94 14.83
O4B COA D . 20.43 -9.78 13.69
C5B COA D . 20.44 -7.51 14.38
O5B COA D . 21.85 -7.22 14.29
P1A COA D . 22.46 -6.37 13.12
O1A COA D . 21.69 -5.16 12.94
O2A COA D . 23.89 -6.18 13.34
O3A COA D . 22.25 -7.33 11.89
P2A COA D . 22.66 -7.19 10.37
O4A COA D . 23.06 -5.81 10.13
O5A COA D . 23.59 -8.24 9.99
O6A COA D . 21.29 -7.43 9.61
CBP COA D . 20.12 -9.15 8.37
CCP COA D . 20.55 -8.66 9.75
CDP COA D . 19.34 -10.45 8.51
CEP COA D . 19.22 -8.12 7.71
CAP COA D . 21.36 -9.40 7.51
OAP COA D . 22.26 -10.21 8.21
C9P COA D . 21.07 -9.92 6.11
O9P COA D . 20.89 -9.11 5.22
N8P COA D . 21.03 -11.22 5.91
C7P COA D . 20.47 -11.82 4.70
C6P COA D . 19.09 -12.44 4.94
C5P COA D . 17.97 -11.50 5.28
O5P COA D . 18.12 -10.31 5.35
N4P COA D . 16.76 -12.00 5.48
C3P COA D . 15.60 -11.20 5.23
C2P COA D . 14.97 -10.76 6.48
S1P COA D . 13.60 -11.88 6.79
N1A COA E . 32.42 -8.31 12.77
C2A COA E . 33.07 -7.67 13.75
N3A COA E . 32.65 -7.35 14.97
C4A COA E . 31.40 -7.77 15.18
C5A COA E . 30.60 -8.44 14.28
C6A COA E . 31.14 -8.72 13.01
N6A COA E . 30.48 -9.33 12.04
N7A COA E . 29.37 -8.71 14.86
C8A COA E . 29.43 -8.20 16.06
N9A COA E . 30.65 -7.65 16.31
C1B COA E . 31.00 -6.97 17.49
C2B COA E . 32.40 -6.35 17.49
O2B COA E . 32.99 -6.77 18.70
C3B COA E . 32.16 -4.84 17.46
O3B COA E . 33.11 -4.17 18.28
P3B COA E . 34.54 -3.71 17.65
O7A COA E . 34.62 -2.23 17.96
O8A COA E . 34.61 -3.97 16.17
O9A COA E . 35.59 -4.50 18.41
C4B COA E . 30.77 -4.73 18.05
O4B COA E . 30.09 -5.91 17.59
C5B COA E . 29.94 -3.54 17.68
O5B COA E . 28.58 -3.72 18.14
P1A COA E . 28.04 -2.76 19.30
O1A COA E . 29.24 -2.19 19.98
O2A COA E . 27.06 -1.82 18.69
O3A COA E . 27.20 -3.70 20.27
P2A COA E . 26.72 -3.43 21.77
O4A COA E . 26.78 -4.62 22.63
O5A COA E . 27.42 -2.24 22.32
O6A COA E . 25.19 -3.09 21.55
CBP COA E . 23.44 -4.80 21.42
CCP COA E . 24.17 -3.79 22.32
CDP COA E . 24.07 -6.16 21.60
CEP COA E . 23.57 -4.37 19.95
CAP COA E . 21.96 -4.88 21.80
OAP COA E . 21.10 -4.94 20.69
C9P COA E . 21.52 -5.85 22.89
O9P COA E . 21.89 -5.66 24.03
N8P COA E . 20.71 -6.85 22.56
C7P COA E . 19.72 -7.38 23.51
C6P COA E . 19.21 -8.79 23.17
C5P COA E . 17.74 -8.90 22.84
O5P COA E . 17.16 -7.99 22.26
N4P COA E . 17.08 -10.02 23.23
C3P COA E . 15.80 -9.94 23.93
C2P COA E . 15.16 -11.30 24.18
S1P COA E . 13.36 -11.39 23.94
C1 NMY F . -15.62 9.95 -2.97
O1 NMY F . -15.82 8.61 -3.30
C2 NMY F . -14.14 10.19 -2.86
N2 NMY F . -13.39 9.92 -4.08
C3 NMY F . -13.59 9.41 -1.68
O3 NMY F . -12.18 9.52 -1.58
C4 NMY F . -14.32 9.79 -0.41
O4 NMY F . -13.94 8.93 0.64
C5 NMY F . -15.83 9.63 -0.61
O5 NMY F . -16.28 10.32 -1.79
C6 NMY F . -16.66 10.18 0.53
C7 NMY F . -18.75 6.20 -5.11
N7 NMY F . -19.96 5.37 -5.38
C12 NMY F . -19.15 7.67 -4.88
C11 NMY F . -17.92 8.52 -4.56
O11 NMY F . -18.29 9.91 -4.42
C10 NMY F . -17.10 7.98 -3.39
C9 NMY F . -16.77 6.51 -3.66
N9 NMY F . -15.98 5.95 -2.52
C8 NMY F . -18.01 5.67 -3.91
C13 NMY F . -19.29 10.20 -3.52
C14 NMY F . -19.21 11.62 -2.96
C15 NMY F . -20.26 12.45 -3.70
C16 NMY F . -21.13 11.39 -4.38
O16 NMY F . -20.57 10.10 -4.09
C17 NMY F . -21.33 11.60 -5.86
C21 NMY F . -25.24 13.46 -3.03
C20 NMY F . -24.46 14.75 -3.22
C19 NMY F . -23.01 14.63 -2.71
C18 NMY F . -22.41 13.37 -3.22
O18 NMY F . -21.03 13.30 -2.86
C22 NMY F . -24.43 12.17 -3.15
O22 NMY F . -23.12 12.35 -2.59
C23 NMY F . -25.06 11.02 -2.38
N6 NMY F . -18.06 9.68 0.50
O14 NMY F . -19.39 11.70 -1.57
O20 NMY F . -24.43 15.12 -4.57
O21 NMY F . -25.80 13.46 -1.72
O17 NMY F . -21.36 10.39 -6.58
O12 NMY F . -19.73 8.16 -6.07
N19 NMY F . -24.11 10.05 -1.79
N23 NMY F . -23.00 14.71 -1.26
N1A COA G . -14.47 20.79 -17.87
C2A COA G . -13.15 20.78 -17.99
N3A COA G . -12.22 21.06 -17.08
C4A COA G . -12.79 21.40 -15.93
C5A COA G . -14.13 21.47 -15.65
C6A COA G . -15.01 21.15 -16.70
N6A COA G . -16.33 21.15 -16.60
N7A COA G . -14.31 21.86 -14.33
C8A COA G . -13.10 22.03 -13.88
N9A COA G . -12.15 21.78 -14.78
C1B COA G . -10.73 21.77 -14.62
C2B COA G . -10.01 23.09 -14.38
O2B COA G . -9.72 23.71 -15.60
C3B COA G . -8.70 22.58 -13.78
O3B COA G . -7.78 22.16 -14.76
P3B COA G . -6.71 23.25 -15.13
O7A COA G . -5.90 22.74 -16.23
O8A COA G . -5.88 23.54 -13.94
O9A COA G . -7.54 24.42 -15.52
C4B COA G . -9.14 21.33 -13.01
O4B COA G . -10.44 20.98 -13.51
C5B COA G . -9.18 21.45 -11.51
O5B COA G . -9.69 22.72 -11.12
P1A COA G . -9.30 23.39 -9.74
O1A COA G . -7.91 23.03 -9.41
O2A COA G . -9.67 24.81 -9.74
O3A COA G . -10.32 22.64 -8.80
P2A COA G . -11.08 23.05 -7.49
O4A COA G . -10.28 24.02 -6.75
O5A COA G . -12.46 23.39 -7.83
O6A COA G . -11.15 21.68 -6.71
CBP COA G . -12.39 19.74 -6.04
CCP COA G . -11.92 20.58 -7.23
CDP COA G . -13.13 18.50 -6.53
CEP COA G . -11.17 19.30 -5.24
CAP COA G . -13.31 20.58 -5.16
OAP COA G . -14.42 20.95 -5.93
C9P COA G . -13.74 19.93 -3.86
O9P COA G . -12.98 19.92 -2.91
N8P COA G . -14.95 19.40 -3.82
C7P COA G . -15.50 18.80 -2.64
C6P COA G . -14.92 17.46 -2.36
C5P COA G . -15.09 16.48 -3.48
O5P COA G . -16.19 16.26 -3.96
N4P COA G . -14.01 15.85 -3.92
C3P COA G . -14.00 15.02 -5.11
C2P COA G . -13.89 13.57 -4.83
S1P COA G . -12.86 12.76 -6.07
#